data_4LXI
#
_entry.id   4LXI
#
_cell.length_a   66.155
_cell.length_b   66.155
_cell.length_c   342.180
_cell.angle_alpha   90.000
_cell.angle_beta   90.000
_cell.angle_gamma   120.000
#
_symmetry.space_group_name_H-M   'P 65 2 2'
#
loop_
_entity.id
_entity.type
_entity.pdbx_description
1 polymer 'MCP Hydrolase'
2 non-polymer '(3E,5R)-5-fluoro-6-(2-fluorophenyl)-2,6-dioxohex-3-enoic acid'
3 non-polymer 'SODIUM ION'
4 water water
#
_entity_poly.entity_id   1
_entity_poly.type   'polypeptide(L)'
_entity_poly.pdbx_seq_one_letter_code
;MFEQFESKFIDCDGIRTHYIEMGEGDPLVLVHGGGAGADGRSNFADNFPIFARHMRVIAYDMVGFGQTDAPDPAGFAYTQ
AARTDHLISFIKALGLSKICLIGNAMGGTTACGAALKAPELIDRLVLMGAAVNISPDDMVANRDDLAAVMSYDGSEEGMR
KIIAALTHSYQPTDDIVHYRHEASLRPTTTAAYKATMGWAKQNGLYYSPEQLASLTMPVLVLGGKNDVMVPVRKVIDQIL
AIPQAIGHVFPNCGHWVMIEYPEEFCTQTLHFFGKLD
;
_entity_poly.pdbx_strand_id   A
#
# COMPACT_ATOMS: atom_id res chain seq x y z
N MET A 1 -18.67 8.90 -0.22
CA MET A 1 -18.54 7.43 -0.06
C MET A 1 -17.66 7.10 1.16
N PHE A 2 -17.87 5.90 1.72
CA PHE A 2 -17.10 5.41 2.87
C PHE A 2 -17.42 6.09 4.16
N GLU A 3 -18.60 6.71 4.24
CA GLU A 3 -18.97 7.45 5.43
C GLU A 3 -19.35 6.52 6.58
N GLN A 4 -19.39 5.21 6.34
CA GLN A 4 -19.52 4.27 7.47
C GLN A 4 -18.33 4.34 8.42
N PHE A 5 -17.22 4.92 7.97
CA PHE A 5 -16.05 5.15 8.83
C PHE A 5 -15.92 6.63 9.18
N GLU A 6 -15.62 6.90 10.44
CA GLU A 6 -15.33 8.25 10.91
C GLU A 6 -13.91 8.71 10.52
N SER A 7 -13.82 9.67 9.60
CA SER A 7 -12.55 10.31 9.31
C SER A 7 -11.93 10.95 10.55
N LYS A 8 -10.69 10.61 10.81
CA LYS A 8 -9.91 11.24 11.86
C LYS A 8 -8.63 11.82 11.25
N PHE A 9 -8.05 12.81 11.93
CA PHE A 9 -6.88 13.50 11.42
C PHE A 9 -5.93 13.65 12.55
N ILE A 10 -4.63 13.57 12.25
CA ILE A 10 -3.62 13.72 13.28
C ILE A 10 -2.40 14.35 12.63
N ASP A 11 -1.62 15.06 13.42
CA ASP A 11 -0.46 15.76 12.88
C ASP A 11 0.79 14.90 12.96
N CYS A 12 1.45 14.72 11.83
CA CYS A 12 2.64 13.90 11.76
C CYS A 12 3.82 14.76 11.30
N ASP A 13 4.55 15.30 12.26
CA ASP A 13 5.64 16.26 12.00
C ASP A 13 5.24 17.27 10.91
N GLY A 14 4.08 17.91 11.10
CA GLY A 14 3.57 18.95 10.20
C GLY A 14 2.82 18.51 8.94
N ILE A 15 2.71 17.21 8.73
CA ILE A 15 1.85 16.70 7.67
C ILE A 15 0.58 16.23 8.37
N ARG A 16 -0.53 16.90 8.04
CA ARG A 16 -1.83 16.57 8.64
C ARG A 16 -2.33 15.33 7.91
N THR A 17 -2.59 14.28 8.68
CA THR A 17 -2.70 12.91 8.13
C THR A 17 -4.07 12.33 8.44
N HIS A 18 -4.78 11.95 7.40
CA HIS A 18 -6.10 11.35 7.53
C HIS A 18 -6.02 9.86 7.83
N TYR A 19 -6.94 9.37 8.63
CA TYR A 19 -7.04 7.93 8.87
C TYR A 19 -8.41 7.56 9.41
N ILE A 20 -8.71 6.27 9.28
CA ILE A 20 -9.89 5.65 9.85
C ILE A 20 -9.45 4.50 10.75
N GLU A 21 -10.33 4.07 11.63
CA GLU A 21 -10.02 2.96 12.49
C GLU A 21 -11.28 2.26 12.92
N MET A 22 -11.14 0.99 13.31
CA MET A 22 -12.29 0.18 13.72
C MET A 22 -11.82 -0.98 14.58
N GLY A 23 -12.64 -1.33 15.56
CA GLY A 23 -12.44 -2.50 16.39
C GLY A 23 -11.60 -2.17 17.58
N GLU A 24 -11.15 -3.21 18.29
CA GLU A 24 -10.25 -3.02 19.42
C GLU A 24 -9.37 -4.23 19.62
N GLY A 25 -8.34 -4.04 20.44
CA GLY A 25 -7.33 -5.05 20.64
C GLY A 25 -6.01 -4.52 20.12
N ASP A 26 -5.18 -5.41 19.61
CA ASP A 26 -3.82 -5.06 19.19
C ASP A 26 -3.86 -4.30 17.89
N PRO A 27 -2.90 -3.40 17.68
CA PRO A 27 -3.01 -2.54 16.49
C PRO A 27 -2.58 -3.23 15.21
N LEU A 28 -3.35 -3.00 14.16
CA LEU A 28 -3.00 -3.42 12.81
C LEU A 28 -3.11 -2.20 11.91
N VAL A 29 -2.00 -1.81 11.29
CA VAL A 29 -1.97 -0.71 10.34
C VAL A 29 -1.87 -1.24 8.92
N LEU A 30 -2.71 -0.67 8.07
CA LEU A 30 -2.77 -1.02 6.69
C LEU A 30 -2.27 0.15 5.83
N VAL A 31 -1.36 -0.14 4.89
CA VAL A 31 -0.84 0.87 3.98
C VAL A 31 -1.23 0.62 2.55
N HIS A 32 -2.04 1.53 2.00
CA HIS A 32 -2.57 1.43 0.65
C HIS A 32 -1.54 1.55 -0.47
N GLY A 33 -1.96 1.23 -1.68
CA GLY A 33 -1.10 1.32 -2.84
C GLY A 33 -1.01 2.74 -3.35
N GLY A 34 -0.17 2.95 -4.35
CA GLY A 34 0.08 4.28 -4.88
C GLY A 34 -0.56 4.59 -6.23
N GLY A 35 -1.52 3.79 -6.69
CA GLY A 35 -2.24 4.11 -7.91
C GLY A 35 -3.05 5.41 -7.80
N ALA A 36 -3.48 5.94 -8.94
CA ALA A 36 -4.12 7.25 -8.95
C ALA A 36 -5.42 7.18 -8.17
N GLY A 37 -5.60 8.12 -7.26
CA GLY A 37 -6.83 8.22 -6.49
C GLY A 37 -6.98 7.27 -5.31
N ALA A 38 -5.95 6.45 -5.04
CA ALA A 38 -6.03 5.44 -3.98
C ALA A 38 -5.93 6.09 -2.61
N ASP A 39 -6.48 5.41 -1.61
CA ASP A 39 -6.34 5.80 -0.23
C ASP A 39 -6.70 4.59 0.64
N GLY A 40 -6.60 4.72 1.95
CA GLY A 40 -6.91 3.64 2.89
C GLY A 40 -8.34 3.12 2.81
N ARG A 41 -9.30 4.03 2.84
CA ARG A 41 -10.71 3.68 2.80
C ARG A 41 -11.05 2.82 1.59
N SER A 42 -10.73 3.33 0.40
CA SER A 42 -11.09 2.64 -0.82
C SER A 42 -10.34 1.30 -1.00
N ASN A 43 -9.10 1.19 -0.50
CA ASN A 43 -8.32 -0.04 -0.65
C ASN A 43 -8.77 -1.16 0.26
N PHE A 44 -9.16 -0.79 1.48
CA PHE A 44 -9.38 -1.71 2.59
C PHE A 44 -10.81 -1.72 3.18
N ALA A 45 -11.76 -1.07 2.50
CA ALA A 45 -13.16 -0.98 2.93
C ALA A 45 -13.79 -2.37 3.17
N ASP A 46 -13.59 -3.34 2.26
CA ASP A 46 -14.11 -4.70 2.49
C ASP A 46 -13.38 -5.48 3.60
N ASN A 47 -12.10 -5.20 3.83
CA ASN A 47 -11.35 -5.99 4.79
C ASN A 47 -11.55 -5.48 6.20
N PHE A 48 -11.87 -4.19 6.31
CA PHE A 48 -11.98 -3.52 7.60
C PHE A 48 -12.86 -4.27 8.62
N PRO A 49 -14.10 -4.59 8.24
CA PRO A 49 -14.97 -5.31 9.17
C PRO A 49 -14.50 -6.68 9.58
N ILE A 50 -13.83 -7.41 8.70
CA ILE A 50 -13.26 -8.72 9.09
C ILE A 50 -12.21 -8.50 10.14
N PHE A 51 -11.24 -7.64 9.83
CA PHE A 51 -10.13 -7.40 10.73
C PHE A 51 -10.60 -6.85 12.07
N ALA A 52 -11.63 -6.01 12.05
CA ALA A 52 -12.13 -5.31 13.27
C ALA A 52 -12.65 -6.31 14.32
N ARG A 53 -13.09 -7.48 13.87
CA ARG A 53 -13.53 -8.52 14.79
C ARG A 53 -12.42 -9.05 15.67
N HIS A 54 -11.17 -8.75 15.33
CA HIS A 54 -10.06 -9.36 16.08
C HIS A 54 -9.02 -8.36 16.59
N MET A 55 -8.90 -7.25 15.88
CA MET A 55 -7.84 -6.32 16.20
C MET A 55 -8.40 -4.93 16.09
N ARG A 56 -7.56 -3.98 16.51
CA ARG A 56 -7.84 -2.57 16.29
C ARG A 56 -7.20 -2.24 14.95
N VAL A 57 -8.02 -2.09 13.91
CA VAL A 57 -7.51 -1.92 12.56
C VAL A 57 -7.51 -0.44 12.12
N ILE A 58 -6.40 0.01 11.52
CA ILE A 58 -6.15 1.43 11.18
C ILE A 58 -5.67 1.52 9.72
N ALA A 59 -6.35 2.30 8.92
CA ALA A 59 -5.88 2.62 7.59
C ALA A 59 -5.66 4.13 7.51
N TYR A 60 -4.48 4.57 7.08
CA TYR A 60 -4.18 6.02 6.93
C TYR A 60 -3.92 6.33 5.46
N ASP A 61 -3.87 7.62 5.10
CA ASP A 61 -3.55 8.02 3.73
C ASP A 61 -2.10 8.51 3.64
N MET A 62 -1.36 8.01 2.65
CA MET A 62 0.06 8.35 2.51
C MET A 62 0.22 9.82 2.07
N VAL A 63 1.32 10.48 2.46
CA VAL A 63 1.58 11.87 2.00
C VAL A 63 1.42 11.92 0.49
N GLY A 64 0.53 12.79 0.05
CA GLY A 64 0.28 13.01 -1.35
C GLY A 64 -1.00 12.35 -1.82
N PHE A 65 -1.63 11.59 -0.94
CA PHE A 65 -2.81 10.81 -1.32
C PHE A 65 -3.97 11.10 -0.43
N GLY A 66 -5.16 10.89 -0.93
CA GLY A 66 -6.33 10.82 -0.03
C GLY A 66 -6.63 12.17 0.58
N GLN A 67 -6.85 12.20 1.88
CA GLN A 67 -7.18 13.45 2.54
C GLN A 67 -6.05 13.86 3.45
N THR A 68 -4.92 13.19 3.32
CA THR A 68 -3.71 13.59 4.00
C THR A 68 -3.19 14.78 3.18
N ASP A 69 -2.42 15.66 3.81
CA ASP A 69 -1.78 16.79 3.11
C ASP A 69 -0.99 16.31 1.93
N ALA A 70 -1.02 17.11 0.87
CA ALA A 70 -0.26 16.86 -0.35
C ALA A 70 0.56 18.13 -0.59
N PRO A 71 1.62 18.33 0.22
CA PRO A 71 2.46 19.50 0.12
C PRO A 71 2.94 19.79 -1.29
N ASP A 72 3.01 21.08 -1.59
CA ASP A 72 3.36 21.54 -2.93
C ASP A 72 4.71 20.92 -3.34
N PRO A 73 4.79 20.24 -4.50
CA PRO A 73 6.05 19.66 -4.96
C PRO A 73 7.08 20.70 -5.51
N ALA A 74 6.72 21.99 -5.46
CA ALA A 74 7.69 23.06 -5.71
C ALA A 74 8.63 23.14 -4.53
N GLY A 75 8.14 22.77 -3.34
CA GLY A 75 8.97 22.72 -2.15
C GLY A 75 9.08 21.39 -1.41
N PHE A 76 8.43 20.35 -1.92
CA PHE A 76 8.43 19.02 -1.24
C PHE A 76 8.86 17.92 -2.19
N ALA A 77 9.84 17.12 -1.76
CA ALA A 77 10.35 16.01 -2.57
C ALA A 77 9.54 14.76 -2.24
N TYR A 78 8.87 14.20 -3.25
CA TYR A 78 8.03 13.00 -3.05
C TYR A 78 8.83 11.75 -3.28
N THR A 79 9.71 11.49 -2.33
CA THR A 79 10.66 10.40 -2.40
C THR A 79 10.11 9.25 -1.55
N GLN A 80 10.69 8.06 -1.72
CA GLN A 80 10.31 6.94 -0.85
C GLN A 80 10.67 7.22 0.60
N ALA A 81 11.79 7.90 0.83
CA ALA A 81 12.16 8.20 2.20
C ALA A 81 11.10 9.08 2.87
N ALA A 82 10.45 9.93 2.09
CA ALA A 82 9.45 10.85 2.64
C ALA A 82 8.23 10.03 3.13
N ARG A 83 7.78 9.11 2.29
CA ARG A 83 6.73 8.13 2.68
C ARG A 83 7.05 7.32 3.90
N THR A 84 8.26 6.76 3.93
CA THR A 84 8.68 5.92 5.03
C THR A 84 8.72 6.68 6.32
N ASP A 85 9.24 7.91 6.28
CA ASP A 85 9.28 8.77 7.46
C ASP A 85 7.89 9.22 7.90
N HIS A 86 7.00 9.44 6.93
CA HIS A 86 5.61 9.73 7.24
C HIS A 86 4.95 8.59 8.02
N LEU A 87 5.15 7.35 7.55
CA LEU A 87 4.60 6.18 8.22
C LEU A 87 5.13 6.08 9.61
N ILE A 88 6.43 6.21 9.79
CA ILE A 88 7.00 6.13 11.12
C ILE A 88 6.40 7.21 12.04
N SER A 89 6.30 8.41 11.49
CA SER A 89 5.76 9.53 12.26
C SER A 89 4.32 9.25 12.67
N PHE A 90 3.54 8.69 11.74
CA PHE A 90 2.16 8.29 12.02
C PHE A 90 2.06 7.28 13.16
N ILE A 91 2.90 6.26 13.13
CA ILE A 91 2.86 5.21 14.13
C ILE A 91 3.16 5.77 15.51
N LYS A 92 4.18 6.64 15.60
CA LYS A 92 4.52 7.28 16.89
C LYS A 92 3.44 8.27 17.37
N ALA A 93 2.88 9.04 16.44
CA ALA A 93 1.82 10.02 16.77
C ALA A 93 0.58 9.37 17.40
N LEU A 94 0.25 8.13 16.99
CA LEU A 94 -0.89 7.42 17.58
C LEU A 94 -0.52 6.72 18.89
N GLY A 95 0.75 6.78 19.26
CA GLY A 95 1.22 6.11 20.45
C GLY A 95 1.15 4.60 20.36
N LEU A 96 1.52 4.06 19.19
CA LEU A 96 1.44 2.60 18.93
C LEU A 96 2.80 1.94 19.14
N SER A 97 2.79 0.68 19.56
CA SER A 97 4.02 -0.11 19.64
C SER A 97 3.72 -1.56 19.23
N LYS A 98 4.76 -2.30 18.84
CA LYS A 98 4.58 -3.69 18.41
C LYS A 98 3.30 -3.86 17.58
N ILE A 99 3.25 -3.18 16.43
CA ILE A 99 2.10 -3.27 15.54
C ILE A 99 2.22 -4.44 14.54
N CYS A 100 1.07 -4.84 14.00
CA CYS A 100 1.03 -5.59 12.79
C CYS A 100 0.85 -4.60 11.65
N LEU A 101 1.52 -4.86 10.54
CA LEU A 101 1.65 -3.91 9.45
C LEU A 101 1.53 -4.63 8.13
N ILE A 102 0.59 -4.21 7.30
CA ILE A 102 0.40 -4.74 5.96
C ILE A 102 0.57 -3.61 4.97
N GLY A 103 1.36 -3.82 3.92
CA GLY A 103 1.50 -2.85 2.84
C GLY A 103 1.29 -3.44 1.47
N ASN A 104 0.50 -2.74 0.66
CA ASN A 104 0.23 -3.07 -0.72
C ASN A 104 1.08 -2.18 -1.68
N ALA A 105 1.85 -2.81 -2.58
CA ALA A 105 2.65 -2.12 -3.65
C ALA A 105 3.57 -1.03 -3.13
N MET A 106 3.36 0.24 -3.51
CA MET A 106 4.12 1.37 -2.95
C MET A 106 3.91 1.47 -1.43
N GLY A 107 2.73 1.12 -0.97
CA GLY A 107 2.52 0.92 0.47
C GLY A 107 3.38 -0.18 1.09
N GLY A 108 3.70 -1.21 0.30
CA GLY A 108 4.66 -2.25 0.71
C GLY A 108 6.08 -1.74 0.80
N THR A 109 6.46 -0.92 -0.18
CA THR A 109 7.70 -0.18 -0.12
C THR A 109 7.77 0.57 1.16
N THR A 110 6.69 1.27 1.49
CA THR A 110 6.68 2.12 2.69
C THR A 110 6.66 1.30 3.95
N ALA A 111 5.84 0.25 4.00
CA ALA A 111 5.85 -0.65 5.18
C ALA A 111 7.23 -1.28 5.38
N CYS A 112 7.83 -1.73 4.30
CA CYS A 112 9.16 -2.36 4.38
C CYS A 112 10.24 -1.36 4.82
N GLY A 113 10.16 -0.14 4.29
CA GLY A 113 11.03 0.94 4.73
C GLY A 113 10.98 1.17 6.22
N ALA A 114 9.78 1.24 6.77
CA ALA A 114 9.60 1.47 8.22
C ALA A 114 10.06 0.31 9.06
N ALA A 115 9.88 -0.92 8.54
CA ALA A 115 10.29 -2.12 9.25
C ALA A 115 11.81 -2.16 9.35
N LEU A 116 12.49 -1.77 8.26
CA LEU A 116 13.95 -1.64 8.24
C LEU A 116 14.47 -0.53 9.18
N LYS A 117 13.79 0.62 9.16
CA LYS A 117 14.27 1.83 9.84
C LYS A 117 13.81 1.93 11.29
N ALA A 118 12.58 1.52 11.58
CA ALA A 118 12.05 1.57 12.96
C ALA A 118 11.48 0.19 13.40
N PRO A 119 12.35 -0.85 13.40
CA PRO A 119 11.90 -2.22 13.70
C PRO A 119 11.23 -2.37 15.07
N GLU A 120 11.64 -1.54 16.02
CA GLU A 120 11.12 -1.61 17.38
C GLU A 120 9.63 -1.23 17.49
N LEU A 121 9.07 -0.68 16.42
CA LEU A 121 7.66 -0.37 16.34
C LEU A 121 6.80 -1.48 15.74
N ILE A 122 7.43 -2.47 15.08
CA ILE A 122 6.71 -3.43 14.24
C ILE A 122 7.02 -4.89 14.64
N ASP A 123 5.99 -5.60 15.06
CA ASP A 123 6.12 -7.00 15.46
C ASP A 123 6.00 -7.93 14.28
N ARG A 124 5.06 -7.65 13.38
CA ARG A 124 4.85 -8.49 12.19
C ARG A 124 4.57 -7.68 10.94
N LEU A 125 5.12 -8.15 9.80
CA LEU A 125 5.06 -7.45 8.52
C LEU A 125 4.49 -8.32 7.43
N VAL A 126 3.60 -7.76 6.64
CA VAL A 126 3.02 -8.43 5.49
C VAL A 126 3.29 -7.54 4.32
N LEU A 127 3.88 -8.13 3.28
CA LEU A 127 4.10 -7.48 2.03
C LEU A 127 3.20 -8.13 1.03
N MET A 128 2.23 -7.40 0.49
CA MET A 128 1.31 -7.88 -0.52
C MET A 128 1.53 -7.18 -1.87
N GLY A 129 2.04 -7.93 -2.85
CA GLY A 129 2.43 -7.35 -4.13
C GLY A 129 3.25 -6.09 -3.91
N ALA A 130 4.14 -6.15 -2.90
CA ALA A 130 4.97 -5.04 -2.49
C ALA A 130 6.06 -4.73 -3.50
N ALA A 131 6.13 -3.46 -3.89
CA ALA A 131 7.20 -2.94 -4.75
C ALA A 131 8.45 -2.71 -3.90
N VAL A 132 9.16 -3.79 -3.56
CA VAL A 132 10.36 -3.67 -2.75
C VAL A 132 11.62 -4.15 -3.48
N ASN A 133 11.51 -4.46 -4.77
CA ASN A 133 12.68 -4.92 -5.55
C ASN A 133 12.48 -4.60 -7.03
N ILE A 134 11.86 -3.45 -7.31
CA ILE A 134 11.61 -2.98 -8.68
C ILE A 134 12.63 -1.85 -8.95
N SER A 135 13.68 -2.19 -9.68
CA SER A 135 14.76 -1.26 -9.95
C SER A 135 14.35 -0.29 -11.08
N PRO A 136 15.13 0.78 -11.25
CA PRO A 136 14.86 1.66 -12.38
C PRO A 136 14.78 0.89 -13.71
N ASP A 137 15.73 -0.02 -13.93
CA ASP A 137 15.73 -0.89 -15.13
C ASP A 137 14.44 -1.71 -15.24
N ASP A 138 13.97 -2.24 -14.12
CA ASP A 138 12.68 -2.96 -14.09
C ASP A 138 11.54 -2.02 -14.50
N MET A 139 11.55 -0.79 -14.02
CA MET A 139 10.53 0.21 -14.45
C MET A 139 10.53 0.37 -15.96
N VAL A 140 11.72 0.43 -16.56
CA VAL A 140 11.86 0.55 -18.03
C VAL A 140 11.33 -0.70 -18.74
N ALA A 141 11.71 -1.88 -18.25
CA ALA A 141 11.38 -3.15 -18.94
C ALA A 141 9.89 -3.52 -18.87
N ASN A 142 9.27 -3.22 -17.73
CA ASN A 142 7.85 -3.47 -17.50
C ASN A 142 6.99 -2.21 -17.82
N ARG A 143 7.57 -1.24 -18.52
CA ARG A 143 6.91 0.05 -18.81
C ARG A 143 5.50 -0.05 -19.41
N ASP A 144 5.29 -0.97 -20.34
CA ASP A 144 3.99 -1.07 -21.01
C ASP A 144 2.84 -1.42 -20.04
N ASP A 145 3.04 -2.45 -19.21
CA ASP A 145 2.03 -2.87 -18.23
C ASP A 145 1.90 -1.87 -17.06
N LEU A 146 2.96 -1.11 -16.78
CA LEU A 146 2.96 -0.12 -15.70
C LEU A 146 2.33 1.24 -16.09
N ALA A 147 2.11 1.45 -17.40
CA ALA A 147 1.65 2.74 -17.95
C ALA A 147 0.31 3.25 -17.38
N ALA A 148 -0.67 2.35 -17.29
CA ALA A 148 -2.00 2.70 -16.79
C ALA A 148 -1.87 3.50 -15.49
N VAL A 149 -1.08 2.98 -14.54
CA VAL A 149 -0.87 3.62 -13.25
C VAL A 149 0.11 4.78 -13.35
N MET A 150 1.28 4.53 -13.93
CA MET A 150 2.40 5.44 -13.75
C MET A 150 2.39 6.65 -14.66
N SER A 151 1.66 6.58 -15.77
CA SER A 151 1.39 7.72 -16.64
C SER A 151 -0.14 7.89 -16.83
N TYR A 152 -0.88 7.75 -15.75
CA TYR A 152 -2.33 7.96 -15.75
C TYR A 152 -2.74 9.27 -16.44
N ASP A 153 -3.63 9.16 -17.42
CA ASP A 153 -4.04 10.29 -18.27
C ASP A 153 -5.08 11.25 -17.63
N GLY A 154 -5.51 10.96 -16.40
CA GLY A 154 -6.43 11.83 -15.66
C GLY A 154 -7.94 11.62 -15.93
N SER A 155 -8.26 10.78 -16.91
CA SER A 155 -9.65 10.58 -17.34
C SER A 155 -10.34 9.44 -16.58
N GLU A 156 -11.63 9.25 -16.89
CA GLU A 156 -12.46 8.25 -16.21
C GLU A 156 -12.20 6.86 -16.76
N GLU A 157 -12.06 6.75 -18.07
CA GLU A 157 -11.71 5.50 -18.73
C GLU A 157 -10.33 5.04 -18.26
N GLY A 158 -9.44 6.01 -18.09
CA GLY A 158 -8.12 5.77 -17.52
C GLY A 158 -8.17 5.12 -16.15
N MET A 159 -9.19 5.46 -15.37
CA MET A 159 -9.31 4.91 -14.03
C MET A 159 -9.85 3.49 -14.06
N ARG A 160 -10.78 3.24 -14.97
CA ARG A 160 -11.23 1.87 -15.26
C ARG A 160 -10.11 0.99 -15.78
N LYS A 161 -9.23 1.57 -16.60
CA LYS A 161 -8.05 0.87 -17.11
C LYS A 161 -7.08 0.53 -15.97
N ILE A 162 -6.85 1.49 -15.07
CA ILE A 162 -6.06 1.19 -13.87
C ILE A 162 -6.64 -0.03 -13.11
N ILE A 163 -7.95 -0.05 -12.89
CA ILE A 163 -8.55 -1.12 -12.09
C ILE A 163 -8.53 -2.45 -12.84
N ALA A 164 -8.71 -2.44 -14.17
CA ALA A 164 -8.64 -3.66 -14.97
C ALA A 164 -7.20 -4.20 -15.06
N ALA A 165 -6.20 -3.33 -14.88
CA ALA A 165 -4.80 -3.74 -14.83
C ALA A 165 -4.47 -4.38 -13.49
N LEU A 166 -5.03 -3.84 -12.42
CA LEU A 166 -4.74 -4.33 -11.07
C LEU A 166 -5.43 -5.65 -10.72
N THR A 167 -6.32 -6.16 -11.59
CA THR A 167 -7.16 -7.30 -11.24
C THR A 167 -7.28 -8.33 -12.37
N HIS A 168 -7.52 -9.58 -11.99
CA HIS A 168 -7.71 -10.66 -12.97
C HIS A 168 -9.11 -10.73 -13.53
N SER A 169 -10.10 -10.74 -12.65
CA SER A 169 -11.49 -10.84 -13.12
C SER A 169 -12.43 -10.18 -12.13
N TYR A 170 -12.44 -8.85 -12.16
CA TYR A 170 -13.15 -8.05 -11.19
C TYR A 170 -13.85 -6.96 -11.95
N GLN A 171 -15.14 -6.80 -11.72
CA GLN A 171 -15.82 -5.64 -12.25
C GLN A 171 -16.05 -4.71 -11.07
N PRO A 172 -15.42 -3.52 -11.07
CA PRO A 172 -15.75 -2.60 -10.00
C PRO A 172 -17.12 -1.95 -10.22
N THR A 173 -17.70 -1.45 -9.13
CA THR A 173 -18.96 -0.70 -9.21
C THR A 173 -18.69 0.71 -9.74
N ASP A 174 -19.69 1.31 -10.39
CA ASP A 174 -19.58 2.68 -10.89
C ASP A 174 -19.20 3.63 -9.76
N ASP A 175 -19.66 3.32 -8.55
CA ASP A 175 -19.36 4.20 -7.41
C ASP A 175 -17.86 4.24 -7.06
N ILE A 176 -17.19 3.09 -7.08
CA ILE A 176 -15.76 3.03 -6.72
C ILE A 176 -14.92 3.80 -7.76
N VAL A 177 -15.20 3.56 -9.03
CA VAL A 177 -14.57 4.27 -10.13
C VAL A 177 -14.71 5.78 -9.99
N HIS A 178 -15.96 6.23 -9.77
CA HIS A 178 -16.25 7.65 -9.55
C HIS A 178 -15.47 8.16 -8.35
N TYR A 179 -15.50 7.42 -7.25
CA TYR A 179 -14.83 7.91 -6.08
C TYR A 179 -13.34 8.17 -6.39
N ARG A 180 -12.71 7.24 -7.08
CA ARG A 180 -11.26 7.35 -7.29
C ARG A 180 -10.92 8.43 -8.34
N HIS A 181 -11.69 8.47 -9.43
CA HIS A 181 -11.60 9.52 -10.42
C HIS A 181 -11.71 10.91 -9.78
N GLU A 182 -12.79 11.18 -9.05
CA GLU A 182 -12.94 12.45 -8.34
C GLU A 182 -11.73 12.80 -7.48
N ALA A 183 -11.27 11.84 -6.68
CA ALA A 183 -10.13 12.03 -5.79
C ALA A 183 -8.90 12.43 -6.59
N SER A 184 -8.65 11.66 -7.66
CA SER A 184 -7.53 11.90 -8.55
C SER A 184 -7.56 13.25 -9.29
N LEU A 185 -8.74 13.84 -9.49
CA LEU A 185 -8.90 15.10 -10.23
C LEU A 185 -8.47 16.34 -9.45
N ARG A 186 -8.44 16.26 -8.13
CA ARG A 186 -8.10 17.44 -7.32
C ARG A 186 -6.69 17.93 -7.70
N PRO A 187 -6.50 19.25 -7.83
CA PRO A 187 -5.20 19.75 -8.31
C PRO A 187 -4.00 19.39 -7.43
N THR A 188 -4.17 19.45 -6.10
CA THR A 188 -3.07 19.19 -5.16
C THR A 188 -2.57 17.74 -5.15
N THR A 189 -3.47 16.79 -5.42
CA THR A 189 -3.06 15.39 -5.45
C THR A 189 -2.68 15.04 -6.88
N THR A 190 -3.27 15.69 -7.90
CA THR A 190 -2.77 15.48 -9.26
C THR A 190 -1.28 15.85 -9.32
N ALA A 191 -0.91 16.93 -8.63
CA ALA A 191 0.49 17.38 -8.64
C ALA A 191 1.41 16.48 -7.82
N ALA A 192 0.99 16.15 -6.58
CA ALA A 192 1.77 15.24 -5.72
C ALA A 192 1.96 13.88 -6.39
N TYR A 193 0.97 13.48 -7.19
CA TYR A 193 0.99 12.19 -7.85
C TYR A 193 2.02 12.17 -8.94
N LYS A 194 2.05 13.21 -9.79
CA LYS A 194 3.06 13.27 -10.86
C LYS A 194 4.47 13.28 -10.31
N ALA A 195 4.69 13.97 -9.18
CA ALA A 195 5.97 13.98 -8.47
C ALA A 195 6.33 12.60 -7.92
N THR A 196 5.34 11.95 -7.28
CA THR A 196 5.48 10.59 -6.74
C THR A 196 5.88 9.63 -7.86
N MET A 197 5.09 9.61 -8.92
CA MET A 197 5.35 8.70 -10.01
C MET A 197 6.62 8.97 -10.85
N GLY A 198 6.96 10.25 -11.02
CA GLY A 198 8.18 10.65 -11.72
C GLY A 198 9.42 10.20 -10.97
N TRP A 199 9.45 10.42 -9.66
CA TRP A 199 10.51 9.86 -8.83
C TRP A 199 10.58 8.32 -8.98
N ALA A 200 9.48 7.62 -8.73
CA ALA A 200 9.45 6.17 -8.75
C ALA A 200 10.04 5.69 -10.05
N LYS A 201 9.61 6.28 -11.16
CA LYS A 201 10.06 5.86 -12.47
C LYS A 201 11.59 5.91 -12.66
N GLN A 202 12.26 6.87 -12.05
CA GLN A 202 13.69 6.99 -12.28
C GLN A 202 14.56 6.42 -11.15
N ASN A 203 14.00 6.27 -9.95
CA ASN A 203 14.73 5.67 -8.82
C ASN A 203 14.25 4.27 -8.46
N GLY A 204 13.17 3.84 -9.08
CA GLY A 204 12.53 2.58 -8.74
C GLY A 204 11.98 2.53 -7.33
N LEU A 205 11.36 1.39 -7.01
CA LEU A 205 10.88 1.13 -5.66
C LEU A 205 11.60 -0.15 -5.19
N TYR A 206 12.64 0.03 -4.39
CA TYR A 206 13.71 -0.96 -4.36
C TYR A 206 14.45 -0.92 -3.04
N TYR A 207 14.65 -2.11 -2.47
CA TYR A 207 15.64 -2.31 -1.46
C TYR A 207 16.53 -3.42 -2.01
N SER A 208 17.74 -3.50 -1.48
CA SER A 208 18.69 -4.49 -1.96
C SER A 208 18.47 -5.82 -1.25
N PRO A 209 18.83 -6.93 -1.91
CA PRO A 209 18.81 -8.25 -1.29
C PRO A 209 19.35 -8.28 0.14
N GLU A 210 20.40 -7.51 0.42
CA GLU A 210 20.99 -7.48 1.76
C GLU A 210 20.09 -6.72 2.74
N GLN A 211 19.43 -5.67 2.26
CA GLN A 211 18.49 -4.93 3.10
C GLN A 211 17.30 -5.81 3.45
N LEU A 212 16.75 -6.47 2.44
CA LEU A 212 15.62 -7.41 2.65
C LEU A 212 15.97 -8.52 3.64
N ALA A 213 17.17 -9.10 3.53
CA ALA A 213 17.62 -10.14 4.47
C ALA A 213 17.83 -9.60 5.88
N SER A 214 17.97 -8.29 6.01
CA SER A 214 18.20 -7.68 7.33
C SER A 214 16.93 -7.47 8.17
N LEU A 215 15.75 -7.70 7.60
CA LEU A 215 14.51 -7.56 8.39
C LEU A 215 14.58 -8.43 9.66
N THR A 216 14.17 -7.87 10.80
CA THR A 216 14.37 -8.52 12.07
C THR A 216 13.13 -9.22 12.64
N MET A 217 11.98 -9.06 11.99
CA MET A 217 10.72 -9.56 12.53
C MET A 217 10.08 -10.54 11.55
N PRO A 218 9.12 -11.36 12.02
CA PRO A 218 8.40 -12.25 11.13
C PRO A 218 7.82 -11.54 9.92
N VAL A 219 7.91 -12.16 8.74
CA VAL A 219 7.36 -11.59 7.53
C VAL A 219 6.47 -12.58 6.76
N LEU A 220 5.35 -12.08 6.21
CA LEU A 220 4.51 -12.84 5.31
C LEU A 220 4.45 -12.15 3.98
N VAL A 221 4.85 -12.84 2.92
CA VAL A 221 4.84 -12.26 1.59
C VAL A 221 3.75 -12.87 0.77
N LEU A 222 2.90 -12.03 0.18
CA LEU A 222 1.72 -12.46 -0.57
C LEU A 222 1.77 -11.96 -1.98
N GLY A 223 1.19 -12.70 -2.92
CA GLY A 223 1.06 -12.19 -4.27
C GLY A 223 0.05 -12.91 -5.10
N GLY A 224 -0.56 -12.17 -6.02
CA GLY A 224 -1.40 -12.74 -7.04
C GLY A 224 -0.49 -13.23 -8.15
N LYS A 225 -0.78 -14.43 -8.65
CA LYS A 225 0.03 -15.05 -9.68
C LYS A 225 -0.04 -14.26 -10.99
N ASN A 226 -1.18 -13.62 -11.26
CA ASN A 226 -1.38 -12.82 -12.47
C ASN A 226 -1.08 -11.31 -12.33
N ASP A 227 -0.48 -10.91 -11.22
CA ASP A 227 -0.19 -9.51 -10.98
C ASP A 227 0.69 -8.96 -12.14
N VAL A 228 0.33 -7.81 -12.71
CA VAL A 228 1.17 -7.22 -13.79
C VAL A 228 2.05 -6.05 -13.32
N MET A 229 1.84 -5.55 -12.11
CA MET A 229 2.58 -4.40 -11.59
C MET A 229 3.81 -4.87 -10.86
N VAL A 230 3.64 -5.89 -10.03
CA VAL A 230 4.72 -6.53 -9.33
C VAL A 230 4.56 -8.01 -9.68
N PRO A 231 5.22 -8.45 -10.77
CA PRO A 231 4.97 -9.80 -11.27
C PRO A 231 5.37 -10.86 -10.26
N VAL A 232 4.72 -12.01 -10.33
CA VAL A 232 4.90 -13.09 -9.33
C VAL A 232 6.36 -13.51 -9.09
N ARG A 233 7.20 -13.44 -10.12
CA ARG A 233 8.61 -13.79 -9.97
C ARG A 233 9.34 -12.79 -9.12
N LYS A 234 8.90 -11.53 -9.15
CA LYS A 234 9.44 -10.56 -8.19
C LYS A 234 8.98 -10.84 -6.76
N VAL A 235 7.74 -11.28 -6.59
CA VAL A 235 7.24 -11.67 -5.27
C VAL A 235 8.00 -12.92 -4.78
N ILE A 236 8.26 -13.83 -5.71
CA ILE A 236 9.06 -15.04 -5.37
C ILE A 236 10.45 -14.70 -4.95
N ASP A 237 11.13 -13.75 -5.63
CA ASP A 237 12.43 -13.29 -5.18
C ASP A 237 12.39 -12.74 -3.74
N GLN A 238 11.29 -12.07 -3.38
CA GLN A 238 11.15 -11.53 -2.00
C GLN A 238 11.09 -12.66 -0.98
N ILE A 239 10.34 -13.69 -1.32
CA ILE A 239 10.21 -14.88 -0.41
C ILE A 239 11.59 -15.51 -0.17
N LEU A 240 12.38 -15.61 -1.23
CA LEU A 240 13.71 -16.20 -1.12
C LEU A 240 14.77 -15.24 -0.52
N ALA A 241 14.62 -13.94 -0.74
CA ALA A 241 15.59 -12.95 -0.26
C ALA A 241 15.44 -12.71 1.22
N ILE A 242 14.22 -12.87 1.73
CA ILE A 242 13.94 -12.69 3.16
C ILE A 242 13.92 -14.08 3.81
N PRO A 243 14.96 -14.46 4.58
CA PRO A 243 15.03 -15.87 5.04
C PRO A 243 13.79 -16.35 5.84
N GLN A 244 13.35 -15.56 6.83
CA GLN A 244 12.23 -15.93 7.69
C GLN A 244 10.84 -15.80 7.06
N ALA A 245 10.76 -15.32 5.83
CA ALA A 245 9.45 -15.09 5.20
C ALA A 245 8.64 -16.35 4.86
N ILE A 246 7.35 -16.32 5.20
CA ILE A 246 6.34 -17.25 4.68
C ILE A 246 5.94 -16.71 3.34
N GLY A 247 5.71 -17.58 2.35
CA GLY A 247 5.24 -17.14 1.05
C GLY A 247 3.88 -17.72 0.74
N HIS A 248 2.98 -16.89 0.23
CA HIS A 248 1.71 -17.39 -0.25
C HIS A 248 1.36 -16.76 -1.57
N VAL A 249 1.09 -17.61 -2.57
CA VAL A 249 0.74 -17.17 -3.92
C VAL A 249 -0.67 -17.59 -4.25
N PHE A 250 -1.45 -16.63 -4.76
CA PHE A 250 -2.87 -16.80 -5.07
C PHE A 250 -3.04 -16.93 -6.56
N PRO A 251 -3.72 -17.99 -7.02
CA PRO A 251 -4.04 -18.17 -8.44
C PRO A 251 -5.22 -17.32 -8.84
N ASN A 252 -5.33 -17.04 -10.13
CA ASN A 252 -6.49 -16.33 -10.66
C ASN A 252 -6.72 -15.00 -9.94
N CYS A 253 -5.63 -14.28 -9.79
CA CYS A 253 -5.57 -13.15 -8.93
C CYS A 253 -4.53 -12.20 -9.41
N GLY A 254 -4.94 -10.93 -9.51
CA GLY A 254 -4.08 -9.85 -9.98
C GLY A 254 -3.34 -9.22 -8.82
N HIS A 255 -2.91 -7.97 -9.01
CA HIS A 255 -2.27 -7.27 -7.92
C HIS A 255 -3.10 -7.14 -6.61
N TRP A 256 -4.40 -6.88 -6.75
CA TRP A 256 -5.30 -6.56 -5.64
C TRP A 256 -5.87 -7.80 -4.91
N VAL A 257 -5.00 -8.57 -4.27
CA VAL A 257 -5.42 -9.77 -3.54
C VAL A 257 -6.53 -9.42 -2.54
N MET A 258 -6.36 -8.30 -1.85
CA MET A 258 -7.23 -7.96 -0.75
C MET A 258 -8.64 -7.57 -1.20
N ILE A 259 -8.80 -7.14 -2.44
CA ILE A 259 -10.12 -6.88 -3.01
C ILE A 259 -10.70 -8.06 -3.80
N GLU A 260 -9.83 -8.81 -4.48
CA GLU A 260 -10.28 -9.97 -5.29
C GLU A 260 -10.60 -11.20 -4.46
N TYR A 261 -9.85 -11.43 -3.38
CA TYR A 261 -10.04 -12.57 -2.48
C TYR A 261 -9.99 -12.09 -1.06
N PRO A 262 -10.99 -11.27 -0.68
CA PRO A 262 -10.97 -10.60 0.62
C PRO A 262 -10.91 -11.56 1.82
N GLU A 263 -11.73 -12.62 1.80
CA GLU A 263 -11.84 -13.56 2.91
C GLU A 263 -10.53 -14.33 3.05
N GLU A 264 -10.04 -14.83 1.93
CA GLU A 264 -8.73 -15.51 1.90
C GLU A 264 -7.57 -14.58 2.36
N PHE A 265 -7.53 -13.33 1.90
CA PHE A 265 -6.55 -12.35 2.42
C PHE A 265 -6.58 -12.18 3.95
N CYS A 266 -7.76 -11.97 4.52
CA CYS A 266 -7.87 -11.84 5.97
C CYS A 266 -7.57 -13.09 6.78
N THR A 267 -8.01 -14.26 6.30
CA THR A 267 -7.65 -15.52 6.98
C THR A 267 -6.15 -15.71 7.04
N GLN A 268 -5.44 -15.53 5.92
CA GLN A 268 -3.99 -15.78 5.94
C GLN A 268 -3.25 -14.79 6.83
N THR A 269 -3.55 -13.50 6.70
CA THR A 269 -2.92 -12.51 7.58
C THR A 269 -3.33 -12.67 9.06
N LEU A 270 -4.61 -12.86 9.34
CA LEU A 270 -5.05 -13.06 10.75
C LEU A 270 -4.42 -14.28 11.36
N HIS A 271 -4.37 -15.36 10.60
CA HIS A 271 -3.65 -16.55 11.03
C HIS A 271 -2.18 -16.24 11.36
N PHE A 272 -1.54 -15.49 10.48
CA PHE A 272 -0.12 -15.12 10.69
C PHE A 272 0.04 -14.19 11.89
N PHE A 273 -0.94 -13.33 12.12
CA PHE A 273 -0.93 -12.51 13.32
C PHE A 273 -1.28 -13.27 14.63
N GLY A 274 -1.58 -14.56 14.56
CA GLY A 274 -1.89 -15.34 15.78
C GLY A 274 -3.31 -15.13 16.32
N LYS A 275 -4.25 -14.75 15.46
CA LYS A 275 -5.64 -14.45 15.85
C LYS A 275 -6.72 -15.50 15.49
N LEU A 276 -6.37 -16.60 14.81
CA LEU A 276 -7.38 -17.60 14.38
C LEU A 276 -7.03 -19.04 14.80
#